data_4L7U
#
_entry.id   4L7U
#
_cell.length_a   55.188
_cell.length_b   56.752
_cell.length_c   56.905
_cell.angle_alpha   90.00
_cell.angle_beta   112.10
_cell.angle_gamma   90.00
#
_symmetry.space_group_name_H-M   'P 1 21 1'
#
loop_
_entity.id
_entity.type
_entity.pdbx_description
1 polymer 'Poly [ADP-ribose] polymerase 3'
2 non-polymer 'methyl N-[3-(4-oxo-3,4-dihydroquinazolin-2-yl)propanoyl]-L-phenylalaninate'
#
_entity_poly.entity_id   1
_entity_poly.type   'polypeptide(L)'
_entity_poly.pdbx_seq_one_letter_code
;SMKRVQPCSLDPATQKLITNIFSKEMFKNTMALMDLDVKKMPLGKLSKQQIARGFEALEALEEALKGPTDGGQSLEELSS
HFYTVIPHNFGHSQPPPINSPELLQAKKDMLLVLADIELAQALQAVSEQEKTVEEVPHPLDRDYQLLKCQLQLLDSGAPE
YKVIQTYLEQTGSNHRCPTLQHIWKVNQEGEEDRFQAHSKLGNRKLLWHGTNMAVVAAILTSGLRIMPHSGGRVGKGIYF
ASENSKSAGYVIGMKCGAHHVGYMFLGEVALGREHHINTDNPSLKSPPPGFDSVIARGHTEPDPTQDTELELDGQQVVVP
QGQPVPCPEFSSSTFSQSEYLIYQESQCRLRYLLEVH
;
_entity_poly.pdbx_strand_id   A
#
# COMPACT_ATOMS: atom_id res chain seq x y z
N LYS A 3 -16.43 20.03 27.67
CA LYS A 3 -16.58 19.41 26.36
C LYS A 3 -17.05 17.93 26.49
N ARG A 4 -18.31 17.68 26.11
CA ARG A 4 -18.91 16.36 26.22
C ARG A 4 -18.38 15.39 25.16
N VAL A 5 -17.83 14.25 25.62
CA VAL A 5 -17.32 13.17 24.76
C VAL A 5 -18.53 12.30 24.42
N GLN A 6 -18.83 12.15 23.13
CA GLN A 6 -19.97 11.38 22.64
C GLN A 6 -19.63 9.90 22.61
N PRO A 7 -20.64 9.00 22.71
CA PRO A 7 -20.34 7.54 22.66
C PRO A 7 -19.80 7.06 21.30
N CYS A 8 -19.09 5.90 21.31
CA CYS A 8 -18.52 5.28 20.11
C CYS A 8 -19.63 4.53 19.37
N SER A 9 -19.85 4.90 18.11
CA SER A 9 -20.87 4.31 17.25
C SER A 9 -20.32 3.12 16.49
N LEU A 10 -18.99 2.96 16.48
CA LEU A 10 -18.34 1.89 15.76
C LEU A 10 -18.40 0.59 16.53
N ASP A 11 -18.33 -0.52 15.79
CA ASP A 11 -18.36 -1.87 16.34
C ASP A 11 -16.93 -2.26 16.82
N PRO A 12 -16.77 -3.31 17.67
CA PRO A 12 -15.42 -3.67 18.16
C PRO A 12 -14.36 -3.85 17.04
N ALA A 13 -14.72 -4.58 15.96
CA ALA A 13 -13.84 -4.82 14.82
C ALA A 13 -13.33 -3.52 14.20
N THR A 14 -14.24 -2.52 14.00
CA THR A 14 -13.90 -1.20 13.42
C THR A 14 -13.16 -0.36 14.48
N GLN A 15 -13.38 -0.62 15.79
CA GLN A 15 -12.65 0.08 16.84
C GLN A 15 -11.17 -0.38 16.82
N LYS A 16 -10.92 -1.72 16.66
CA LYS A 16 -9.56 -2.29 16.56
C LYS A 16 -8.84 -1.68 15.37
N LEU A 17 -9.43 -1.80 14.18
CA LEU A 17 -8.91 -1.28 12.92
C LEU A 17 -8.43 0.18 13.06
N ILE A 18 -9.27 1.07 13.59
CA ILE A 18 -9.01 2.49 13.78
C ILE A 18 -7.91 2.70 14.85
N THR A 19 -7.89 1.87 15.91
CA THR A 19 -6.92 1.94 17.02
C THR A 19 -5.53 1.63 16.48
N ASN A 20 -5.47 0.57 15.66
CA ASN A 20 -4.26 0.07 15.07
C ASN A 20 -3.70 1.02 14.08
N ILE A 21 -4.43 1.30 13.00
CA ILE A 21 -3.97 2.17 11.92
C ILE A 21 -3.68 3.63 12.37
N PHE A 22 -4.18 4.07 13.55
CA PHE A 22 -3.95 5.46 14.02
C PHE A 22 -3.03 5.51 15.26
N SER A 23 -2.46 4.38 15.69
CA SER A 23 -1.63 4.28 16.89
C SER A 23 -0.26 4.90 16.68
N LYS A 24 0.10 5.83 17.58
CA LYS A 24 1.40 6.50 17.65
C LYS A 24 2.55 5.49 17.87
N GLU A 25 2.28 4.44 18.71
CA GLU A 25 3.18 3.31 19.01
C GLU A 25 3.41 2.53 17.70
N MET A 26 2.34 2.24 16.93
CA MET A 26 2.43 1.55 15.64
C MET A 26 3.34 2.36 14.68
N PHE A 27 3.06 3.68 14.39
CA PHE A 27 3.93 4.50 13.52
C PHE A 27 5.37 4.60 14.09
N LYS A 28 5.54 4.75 15.42
CA LYS A 28 6.89 4.78 16.03
C LYS A 28 7.59 3.43 15.83
N ASN A 29 6.87 2.29 15.99
CA ASN A 29 7.44 0.95 15.78
C ASN A 29 7.81 0.73 14.31
N THR A 30 6.97 1.25 13.37
CA THR A 30 7.22 1.10 11.91
C THR A 30 8.50 1.87 11.53
N MET A 31 8.76 2.99 12.23
CA MET A 31 9.94 3.83 12.06
C MET A 31 11.20 3.13 12.62
N ALA A 32 11.04 2.38 13.75
CA ALA A 32 12.10 1.61 14.43
C ALA A 32 12.58 0.47 13.55
N LEU A 33 11.64 -0.21 12.87
CA LEU A 33 11.87 -1.32 11.93
C LEU A 33 12.57 -0.79 10.68
N MET A 34 12.26 0.45 10.23
CA MET A 34 12.93 1.07 9.06
C MET A 34 14.32 1.62 9.46
N ASP A 35 14.75 1.30 10.70
CA ASP A 35 16.03 1.63 11.36
C ASP A 35 16.19 3.14 11.55
N LEU A 36 15.06 3.87 11.75
CA LEU A 36 15.05 5.33 11.99
C LEU A 36 15.12 5.69 13.48
N ASP A 37 15.94 6.70 13.82
CA ASP A 37 16.13 7.22 15.19
C ASP A 37 14.89 8.05 15.61
N VAL A 38 13.96 7.44 16.39
CA VAL A 38 12.73 8.12 16.82
C VAL A 38 13.03 9.09 18.00
N LYS A 39 14.22 8.98 18.59
CA LYS A 39 14.58 9.90 19.65
C LYS A 39 15.24 11.17 19.07
N LYS A 40 15.61 11.15 17.76
CA LYS A 40 16.21 12.30 17.07
C LYS A 40 15.28 12.84 15.98
N MET A 41 14.23 12.06 15.63
CA MET A 41 13.22 12.39 14.63
C MET A 41 11.82 11.95 15.18
N PRO A 42 11.24 12.66 16.17
CA PRO A 42 9.95 12.24 16.74
C PRO A 42 8.75 12.42 15.81
N LEU A 43 7.75 11.53 15.97
CA LEU A 43 6.49 11.47 15.20
C LEU A 43 5.85 12.86 14.97
N GLY A 44 5.86 13.71 15.99
CA GLY A 44 5.29 15.06 15.96
C GLY A 44 6.20 16.10 15.34
N LYS A 45 7.53 15.83 15.27
CA LYS A 45 8.54 16.71 14.68
C LYS A 45 8.61 16.46 13.16
N LEU A 46 8.22 15.22 12.76
CA LEU A 46 8.17 14.74 11.38
C LEU A 46 7.32 15.69 10.55
N SER A 47 7.96 16.36 9.58
CA SER A 47 7.36 17.40 8.72
C SER A 47 7.58 17.15 7.23
N LYS A 48 6.71 17.78 6.41
CA LYS A 48 6.75 17.76 4.94
C LYS A 48 8.04 18.42 4.39
N GLN A 49 8.66 19.33 5.19
CA GLN A 49 9.93 20.00 4.84
C GLN A 49 11.12 19.03 4.97
N GLN A 50 11.11 18.18 6.03
CA GLN A 50 12.15 17.18 6.35
C GLN A 50 12.17 16.05 5.31
N ILE A 51 10.99 15.65 4.80
CA ILE A 51 10.90 14.59 3.81
C ILE A 51 11.31 15.14 2.46
N ALA A 52 10.89 16.39 2.12
CA ALA A 52 11.29 17.08 0.89
C ALA A 52 12.81 17.15 0.80
N ARG A 53 13.46 17.53 1.93
CA ARG A 53 14.90 17.64 2.12
C ARG A 53 15.58 16.30 1.98
N GLY A 54 14.95 15.26 2.54
CA GLY A 54 15.40 13.87 2.49
C GLY A 54 15.44 13.39 1.06
N PHE A 55 14.30 13.59 0.33
CA PHE A 55 14.19 13.27 -1.09
C PHE A 55 15.17 14.12 -1.92
N GLU A 56 15.42 15.40 -1.52
CA GLU A 56 16.39 16.30 -2.18
C GLU A 56 17.81 15.73 -2.04
N ALA A 57 18.11 15.12 -0.86
CA ALA A 57 19.41 14.50 -0.56
C ALA A 57 19.58 13.21 -1.37
N LEU A 58 18.49 12.46 -1.62
CA LEU A 58 18.52 11.26 -2.48
C LEU A 58 18.62 11.66 -3.95
N GLU A 59 18.05 12.84 -4.33
CA GLU A 59 18.10 13.39 -5.69
C GLU A 59 19.54 13.70 -6.09
N ALA A 60 20.36 14.18 -5.13
CA ALA A 60 21.78 14.48 -5.34
C ALA A 60 22.63 13.20 -5.51
N LEU A 61 22.30 12.14 -4.74
CA LEU A 61 22.94 10.82 -4.77
C LEU A 61 22.71 10.11 -6.09
N GLU A 62 21.46 10.20 -6.60
CA GLU A 62 20.99 9.61 -7.86
C GLU A 62 21.81 10.12 -9.04
N GLU A 63 22.19 11.41 -9.01
CA GLU A 63 22.99 12.11 -10.03
C GLU A 63 24.47 11.71 -9.96
N ALA A 64 24.95 11.29 -8.76
CA ALA A 64 26.33 10.86 -8.56
C ALA A 64 26.58 9.47 -9.15
N LEU A 65 25.58 8.56 -9.08
CA LEU A 65 25.68 7.20 -9.65
C LEU A 65 25.60 7.25 -11.16
N LYS A 66 24.75 8.15 -11.70
CA LYS A 66 24.54 8.36 -13.13
C LYS A 66 25.54 9.38 -13.68
N ASP A 70 32.95 12.86 -11.77
CA ASP A 70 32.19 14.04 -12.20
C ASP A 70 32.97 15.33 -11.92
N GLY A 71 33.39 15.50 -10.67
CA GLY A 71 34.12 16.67 -10.18
C GLY A 71 33.54 17.24 -8.90
N GLY A 72 32.26 16.96 -8.65
CA GLY A 72 31.55 17.41 -7.45
C GLY A 72 31.90 16.60 -6.22
N GLN A 73 30.96 16.58 -5.25
CA GLN A 73 31.06 15.86 -3.97
C GLN A 73 31.11 14.33 -4.17
N SER A 74 31.58 13.59 -3.15
CA SER A 74 31.67 12.13 -3.20
C SER A 74 30.36 11.45 -2.77
N LEU A 75 30.26 10.12 -3.02
CA LEU A 75 29.10 9.29 -2.63
C LEU A 75 29.02 9.12 -1.11
N GLU A 76 30.15 9.33 -0.39
CA GLU A 76 30.24 9.22 1.07
C GLU A 76 29.87 10.56 1.73
N GLU A 77 30.12 11.68 1.01
CA GLU A 77 29.84 13.06 1.43
C GLU A 77 28.35 13.40 1.27
N LEU A 78 27.71 12.94 0.18
CA LEU A 78 26.30 13.21 -0.12
C LEU A 78 25.37 12.28 0.65
N SER A 79 25.84 11.05 1.03
CA SER A 79 25.10 10.09 1.86
C SER A 79 24.98 10.62 3.25
N SER A 80 26.11 11.16 3.77
CA SER A 80 26.28 11.79 5.09
C SER A 80 25.23 12.87 5.34
N HIS A 81 24.88 13.65 4.30
CA HIS A 81 23.87 14.71 4.39
C HIS A 81 22.45 14.11 4.53
N PHE A 82 22.16 13.00 3.79
CA PHE A 82 20.86 12.30 3.87
C PHE A 82 20.64 11.76 5.30
N TYR A 83 21.73 11.28 5.94
CA TYR A 83 21.69 10.76 7.30
C TYR A 83 21.62 11.90 8.32
N THR A 84 22.11 13.11 7.96
CA THR A 84 22.06 14.30 8.82
C THR A 84 20.62 14.83 8.80
N VAL A 85 19.91 14.65 7.65
CA VAL A 85 18.52 15.06 7.47
C VAL A 85 17.62 14.01 8.11
N ILE A 86 17.66 12.76 7.61
CA ILE A 86 16.84 11.64 8.11
C ILE A 86 17.73 10.83 9.07
N PRO A 87 17.54 10.94 10.40
CA PRO A 87 18.44 10.22 11.31
C PRO A 87 17.99 8.78 11.55
N HIS A 88 18.96 7.87 11.38
CA HIS A 88 18.86 6.43 11.56
C HIS A 88 19.54 5.99 12.84
N ASN A 89 19.06 4.89 13.48
CA ASN A 89 19.75 4.37 14.66
C ASN A 89 20.61 3.17 14.24
N PHE A 90 21.94 3.41 14.20
CA PHE A 90 22.98 2.45 13.80
C PHE A 90 23.93 2.12 14.97
N GLY A 91 23.42 2.22 16.20
CA GLY A 91 24.19 1.98 17.42
C GLY A 91 25.40 2.89 17.62
N HIS A 92 25.25 4.17 17.20
CA HIS A 92 26.24 5.26 17.30
C HIS A 92 27.54 4.96 16.50
N SER A 93 27.41 4.28 15.34
CA SER A 93 28.53 3.96 14.44
C SER A 93 28.39 4.70 13.10
N GLN A 94 29.48 4.75 12.30
CA GLN A 94 29.55 5.42 11.00
C GLN A 94 28.47 4.87 10.04
N PRO A 95 27.67 5.75 9.37
CA PRO A 95 26.60 5.25 8.48
C PRO A 95 27.15 4.75 7.14
N PRO A 96 26.45 3.84 6.42
CA PRO A 96 27.00 3.35 5.15
C PRO A 96 26.62 4.23 3.96
N PRO A 97 27.45 4.30 2.90
CA PRO A 97 27.07 5.12 1.74
C PRO A 97 26.11 4.39 0.80
N ILE A 98 25.17 5.13 0.19
CA ILE A 98 24.20 4.61 -0.79
C ILE A 98 24.98 4.54 -2.11
N ASN A 99 25.37 3.32 -2.54
CA ASN A 99 26.22 3.14 -3.73
C ASN A 99 25.62 2.20 -4.81
N SER A 100 24.29 2.05 -4.86
CA SER A 100 23.64 1.20 -5.86
C SER A 100 22.20 1.65 -6.17
N PRO A 101 21.65 1.37 -7.40
CA PRO A 101 20.25 1.73 -7.69
C PRO A 101 19.26 1.06 -6.73
N GLU A 102 19.60 -0.16 -6.25
CA GLU A 102 18.82 -0.98 -5.31
C GLU A 102 18.66 -0.28 -3.97
N LEU A 103 19.78 0.18 -3.37
CA LEU A 103 19.79 0.90 -2.10
C LEU A 103 19.11 2.27 -2.23
N LEU A 104 19.30 2.93 -3.39
CA LEU A 104 18.71 4.23 -3.72
C LEU A 104 17.18 4.15 -3.65
N GLN A 105 16.58 3.14 -4.29
CA GLN A 105 15.13 2.91 -4.29
C GLN A 105 14.67 2.39 -2.92
N ALA A 106 15.54 1.65 -2.19
CA ALA A 106 15.20 1.16 -0.84
C ALA A 106 15.01 2.36 0.11
N LYS A 107 15.96 3.31 0.07
CA LYS A 107 15.94 4.53 0.86
C LYS A 107 14.84 5.50 0.34
N LYS A 108 14.35 5.31 -0.89
CA LYS A 108 13.26 6.09 -1.50
C LYS A 108 11.91 5.56 -1.01
N ASP A 109 11.80 4.21 -0.91
CA ASP A 109 10.60 3.50 -0.46
C ASP A 109 10.40 3.65 1.09
N MET A 110 11.46 3.98 1.84
CA MET A 110 11.37 4.23 3.27
C MET A 110 10.71 5.62 3.50
N LEU A 111 11.07 6.63 2.64
CA LEU A 111 10.55 8.01 2.68
C LEU A 111 9.12 8.06 2.17
N LEU A 112 8.72 7.10 1.31
CA LEU A 112 7.35 7.00 0.82
C LEU A 112 6.42 6.48 1.93
N VAL A 113 6.96 5.77 2.94
CA VAL A 113 6.18 5.27 4.06
C VAL A 113 6.05 6.42 5.06
N LEU A 114 7.18 7.08 5.39
CA LEU A 114 7.26 8.22 6.31
C LEU A 114 6.29 9.35 5.90
N ALA A 115 6.13 9.58 4.57
CA ALA A 115 5.21 10.56 3.97
C ALA A 115 3.73 10.25 4.34
N ASP A 116 3.39 8.95 4.45
CA ASP A 116 2.07 8.46 4.85
C ASP A 116 1.96 8.44 6.38
N ILE A 117 3.11 8.30 7.08
CA ILE A 117 3.16 8.35 8.55
C ILE A 117 2.87 9.81 8.99
N GLU A 118 3.47 10.79 8.25
CA GLU A 118 3.34 12.23 8.40
C GLU A 118 1.97 12.67 7.98
N LEU A 119 1.46 12.13 6.85
CA LEU A 119 0.15 12.45 6.31
C LEU A 119 -0.90 12.22 7.37
N ALA A 120 -0.96 10.98 7.95
CA ALA A 120 -1.87 10.53 9.02
C ALA A 120 -1.77 11.43 10.25
N GLN A 121 -0.58 11.95 10.53
CA GLN A 121 -0.35 12.87 11.65
C GLN A 121 -1.00 14.20 11.33
N ALA A 122 -0.69 14.81 10.16
CA ALA A 122 -1.25 16.09 9.73
C ALA A 122 -2.79 16.01 9.61
N LEU A 123 -3.30 14.83 9.22
CA LEU A 123 -4.73 14.52 9.10
C LEU A 123 -5.44 14.68 10.46
N GLN A 124 -4.78 14.22 11.56
CA GLN A 124 -5.29 14.26 12.93
C GLN A 124 -5.19 15.65 13.62
N ALA A 125 -4.82 16.70 12.88
CA ALA A 125 -4.73 18.06 13.42
C ALA A 125 -6.12 18.59 13.75
N VAL A 126 -6.25 19.24 14.93
CA VAL A 126 -7.53 19.78 15.40
C VAL A 126 -7.81 21.15 14.77
N SER A 127 -8.89 21.19 13.97
CA SER A 127 -9.39 22.37 13.28
C SER A 127 -10.07 23.33 14.29
N GLU A 128 -10.14 24.64 13.95
CA GLU A 128 -10.74 25.64 14.85
C GLU A 128 -12.27 25.50 14.92
N GLN A 129 -12.88 24.77 13.97
CA GLN A 129 -14.32 24.46 13.97
C GLN A 129 -14.61 23.52 15.15
N GLU A 130 -13.68 22.56 15.40
CA GLU A 130 -13.71 21.60 16.50
C GLU A 130 -13.46 22.29 17.84
N LYS A 131 -12.77 23.47 17.82
CA LYS A 131 -12.44 24.29 18.99
C LYS A 131 -13.65 25.15 19.40
N THR A 132 -14.35 25.80 18.43
CA THR A 132 -15.52 26.63 18.72
C THR A 132 -16.75 25.77 19.09
N VAL A 133 -16.65 24.43 18.92
CA VAL A 133 -17.72 23.49 19.24
C VAL A 133 -17.54 22.98 20.68
N GLU A 134 -18.63 23.00 21.50
CA GLU A 134 -18.61 22.58 22.91
C GLU A 134 -18.72 21.02 23.17
N GLU A 135 -18.69 20.21 22.13
CA GLU A 135 -18.80 18.75 22.29
C GLU A 135 -17.88 18.05 21.34
N VAL A 136 -17.26 16.96 21.80
CA VAL A 136 -16.31 16.25 20.94
C VAL A 136 -16.81 14.81 20.64
N PRO A 137 -16.46 14.20 19.47
CA PRO A 137 -16.89 12.80 19.27
C PRO A 137 -15.92 11.87 20.00
N HIS A 138 -16.23 10.57 20.06
CA HIS A 138 -15.30 9.63 20.67
C HIS A 138 -14.01 9.63 19.82
N PRO A 139 -12.78 9.65 20.40
CA PRO A 139 -11.58 9.69 19.56
C PRO A 139 -11.63 8.75 18.33
N LEU A 140 -12.09 7.49 18.52
CA LEU A 140 -12.18 6.50 17.46
C LEU A 140 -13.12 6.96 16.34
N ASP A 141 -14.31 7.49 16.67
CA ASP A 141 -15.28 8.07 15.74
C ASP A 141 -14.72 9.31 14.99
N ARG A 142 -13.82 10.08 15.62
CA ARG A 142 -13.21 11.28 15.02
C ARG A 142 -12.22 10.85 13.94
N ASP A 143 -11.36 9.86 14.26
CA ASP A 143 -10.37 9.30 13.34
C ASP A 143 -11.08 8.62 12.15
N TYR A 144 -12.24 8.02 12.40
CA TYR A 144 -13.04 7.35 11.35
C TYR A 144 -13.63 8.38 10.38
N GLN A 145 -14.06 9.52 10.91
CA GLN A 145 -14.60 10.67 10.19
C GLN A 145 -13.48 11.37 9.37
N LEU A 146 -12.24 11.37 9.92
CA LEU A 146 -11.04 11.95 9.34
C LEU A 146 -10.61 11.29 8.02
N LEU A 147 -10.85 9.98 7.89
CA LEU A 147 -10.51 9.22 6.67
C LEU A 147 -11.37 9.65 5.48
N LYS A 148 -12.63 10.14 5.72
CA LYS A 148 -13.63 10.54 4.71
C LYS A 148 -13.89 9.34 3.77
N CYS A 149 -13.88 8.14 4.39
CA CYS A 149 -14.00 6.81 3.80
C CYS A 149 -15.00 5.98 4.59
N GLN A 150 -15.77 5.17 3.86
CA GLN A 150 -16.82 4.31 4.43
C GLN A 150 -16.32 2.88 4.45
N LEU A 151 -16.26 2.29 5.65
CA LEU A 151 -15.80 0.90 5.81
C LEU A 151 -16.95 0.08 6.31
N GLN A 152 -17.40 -0.92 5.53
CA GLN A 152 -18.54 -1.73 5.93
C GLN A 152 -18.16 -3.15 6.25
N LEU A 153 -18.12 -3.49 7.56
CA LEU A 153 -17.80 -4.84 8.04
C LEU A 153 -18.84 -5.84 7.54
N LEU A 154 -18.37 -6.86 6.77
CA LEU A 154 -19.21 -7.91 6.16
C LEU A 154 -19.14 -9.22 6.94
N ASP A 155 -20.24 -10.00 6.92
CA ASP A 155 -20.34 -11.29 7.61
C ASP A 155 -20.32 -12.47 6.59
N SER A 156 -20.44 -13.73 7.10
CA SER A 156 -20.48 -14.98 6.32
C SER A 156 -21.58 -14.97 5.25
N GLY A 157 -22.75 -14.44 5.60
CA GLY A 157 -23.92 -14.36 4.73
C GLY A 157 -23.94 -13.21 3.75
N ALA A 158 -22.79 -12.96 3.08
CA ALA A 158 -22.61 -11.92 2.07
C ALA A 158 -22.25 -12.57 0.72
N PRO A 159 -22.69 -12.00 -0.44
CA PRO A 159 -22.34 -12.61 -1.74
C PRO A 159 -20.84 -12.68 -2.00
N GLU A 160 -20.07 -11.69 -1.50
CA GLU A 160 -18.63 -11.60 -1.71
C GLU A 160 -17.77 -12.17 -0.53
N TYR A 161 -18.36 -12.77 0.55
CA TYR A 161 -17.54 -13.29 1.64
C TYR A 161 -16.85 -14.63 1.28
N LYS A 162 -17.59 -15.61 0.71
CA LYS A 162 -17.03 -16.92 0.32
C LYS A 162 -16.17 -16.82 -0.94
N VAL A 163 -16.33 -15.73 -1.70
CA VAL A 163 -15.57 -15.40 -2.90
C VAL A 163 -14.13 -14.99 -2.47
N ILE A 164 -14.00 -14.00 -1.54
CA ILE A 164 -12.75 -13.48 -1.02
C ILE A 164 -12.04 -14.54 -0.15
N GLN A 165 -12.81 -15.31 0.69
CA GLN A 165 -12.29 -16.40 1.53
C GLN A 165 -11.43 -17.39 0.69
N THR A 166 -12.01 -17.90 -0.42
CA THR A 166 -11.32 -18.82 -1.33
C THR A 166 -10.07 -18.11 -1.89
N TYR A 167 -10.24 -16.90 -2.48
CA TYR A 167 -9.20 -16.05 -3.07
C TYR A 167 -7.96 -16.02 -2.16
N LEU A 168 -8.15 -15.70 -0.87
CA LEU A 168 -7.11 -15.63 0.17
C LEU A 168 -6.48 -17.02 0.46
N GLU A 169 -7.31 -18.09 0.55
CA GLU A 169 -6.88 -19.47 0.85
C GLU A 169 -6.00 -20.07 -0.25
N GLN A 170 -6.55 -20.22 -1.47
CA GLN A 170 -5.94 -20.87 -2.62
C GLN A 170 -4.69 -20.15 -3.16
N THR A 171 -4.65 -18.79 -3.12
CA THR A 171 -3.50 -18.03 -3.65
C THR A 171 -2.54 -17.55 -2.52
N GLY A 172 -2.90 -17.84 -1.27
CA GLY A 172 -2.08 -17.55 -0.10
C GLY A 172 -1.06 -18.65 0.12
N SER A 173 0.14 -18.28 0.64
CA SER A 173 1.27 -19.20 0.90
C SER A 173 0.80 -20.47 1.63
N ASN A 174 1.14 -21.64 1.05
CA ASN A 174 0.73 -23.00 1.48
C ASN A 174 0.95 -23.28 2.96
N HIS A 175 2.14 -22.94 3.50
CA HIS A 175 2.40 -23.19 4.91
C HIS A 175 2.08 -21.97 5.77
N ARG A 176 2.56 -20.78 5.36
CA ARG A 176 2.33 -19.53 6.10
C ARG A 176 1.00 -18.85 5.67
N CYS A 177 -0.13 -19.58 5.83
CA CYS A 177 -1.47 -19.11 5.44
C CYS A 177 -1.99 -17.96 6.33
N PRO A 178 -2.31 -16.77 5.74
CA PRO A 178 -2.84 -15.65 6.55
C PRO A 178 -4.24 -15.99 7.05
N THR A 179 -4.42 -15.98 8.38
CA THR A 179 -5.70 -16.34 8.99
C THR A 179 -6.62 -15.12 8.93
N LEU A 180 -7.69 -15.22 8.12
CA LEU A 180 -8.70 -14.16 7.95
C LEU A 180 -9.50 -13.97 9.23
N GLN A 181 -9.84 -12.71 9.53
CA GLN A 181 -10.60 -12.33 10.73
C GLN A 181 -11.82 -11.50 10.36
N HIS A 182 -11.60 -10.40 9.62
CA HIS A 182 -12.61 -9.44 9.22
C HIS A 182 -12.41 -8.92 7.80
N ILE A 183 -13.54 -8.58 7.14
CA ILE A 183 -13.60 -8.00 5.80
C ILE A 183 -14.44 -6.71 5.88
N TRP A 184 -13.88 -5.57 5.43
CA TRP A 184 -14.59 -4.29 5.36
C TRP A 184 -14.79 -3.89 3.93
N LYS A 185 -16.05 -3.65 3.53
CA LYS A 185 -16.36 -3.18 2.19
C LYS A 185 -16.02 -1.69 2.17
N VAL A 186 -15.04 -1.32 1.35
CA VAL A 186 -14.50 0.02 1.25
C VAL A 186 -15.20 0.85 0.17
N ASN A 187 -15.51 2.09 0.49
CA ASN A 187 -16.11 3.04 -0.45
C ASN A 187 -15.52 4.42 -0.17
N GLN A 188 -14.51 4.79 -0.96
CA GLN A 188 -13.84 6.07 -0.81
C GLN A 188 -14.61 7.17 -1.53
N GLU A 189 -14.98 8.22 -0.80
CA GLU A 189 -15.74 9.33 -1.37
C GLU A 189 -14.78 10.32 -2.04
N GLY A 190 -14.88 10.35 -3.37
CA GLY A 190 -14.03 11.15 -4.25
C GLY A 190 -13.31 10.28 -5.26
N GLU A 191 -13.17 8.97 -4.94
CA GLU A 191 -12.53 7.93 -5.77
C GLU A 191 -13.56 7.25 -6.71
N GLU A 192 -14.87 7.51 -6.47
CA GLU A 192 -15.98 6.95 -7.23
C GLU A 192 -16.00 7.43 -8.70
N ASP A 193 -16.03 8.76 -8.91
CA ASP A 193 -16.14 9.44 -10.21
C ASP A 193 -14.94 9.22 -11.14
N ARG A 194 -13.69 9.18 -10.60
CA ARG A 194 -12.48 8.99 -11.43
C ARG A 194 -12.46 7.58 -12.09
N PHE A 195 -12.95 6.57 -11.36
CA PHE A 195 -13.06 5.18 -11.81
C PHE A 195 -14.26 5.02 -12.76
N GLN A 196 -15.36 5.79 -12.51
CA GLN A 196 -16.58 5.81 -13.31
C GLN A 196 -16.33 6.26 -14.75
N ALA A 197 -15.25 7.06 -14.95
CA ALA A 197 -14.82 7.55 -16.26
C ALA A 197 -14.23 6.41 -17.10
N HIS A 198 -13.66 5.38 -16.44
CA HIS A 198 -13.08 4.21 -17.11
C HIS A 198 -14.14 3.12 -17.43
N SER A 199 -15.43 3.52 -17.58
CA SER A 199 -16.56 2.64 -17.93
C SER A 199 -16.34 2.01 -19.30
N LYS A 200 -15.76 2.79 -20.23
CA LYS A 200 -15.40 2.41 -21.61
C LYS A 200 -14.32 1.30 -21.61
N LEU A 201 -13.45 1.30 -20.57
CA LEU A 201 -12.35 0.36 -20.41
C LEU A 201 -12.76 -0.88 -19.57
N GLY A 202 -12.71 -2.05 -20.19
CA GLY A 202 -13.07 -3.31 -19.55
C GLY A 202 -11.89 -4.04 -18.91
N ASN A 203 -11.92 -5.40 -18.99
CA ASN A 203 -10.93 -6.34 -18.44
C ASN A 203 -10.74 -6.08 -16.93
N ARG A 204 -11.85 -6.08 -16.20
CA ARG A 204 -11.89 -5.81 -14.76
C ARG A 204 -11.49 -7.04 -13.95
N LYS A 205 -10.54 -6.83 -13.02
CA LYS A 205 -10.01 -7.88 -12.15
C LYS A 205 -9.77 -7.34 -10.74
N LEU A 206 -10.25 -8.10 -9.72
CA LEU A 206 -10.08 -7.80 -8.30
C LEU A 206 -8.75 -8.38 -7.91
N LEU A 207 -7.77 -7.52 -7.67
CA LEU A 207 -6.40 -7.94 -7.39
C LEU A 207 -5.88 -7.42 -6.05
N TRP A 208 -5.09 -8.25 -5.34
CA TRP A 208 -4.51 -7.93 -4.03
C TRP A 208 -3.61 -6.72 -4.11
N HIS A 209 -3.21 -6.21 -2.92
CA HIS A 209 -2.29 -5.10 -2.68
C HIS A 209 -1.95 -5.10 -1.19
N GLY A 210 -0.71 -5.39 -0.89
CA GLY A 210 -0.20 -5.49 0.48
C GLY A 210 0.69 -4.33 0.86
N THR A 211 0.47 -3.81 2.08
CA THR A 211 1.19 -2.66 2.64
C THR A 211 1.47 -2.86 4.11
N ASN A 212 2.40 -2.07 4.71
CA ASN A 212 2.58 -2.14 6.15
C ASN A 212 1.55 -1.17 6.83
N MET A 213 1.07 -1.56 8.02
CA MET A 213 0.06 -0.86 8.83
C MET A 213 0.13 0.69 8.89
N ALA A 214 1.30 1.30 8.68
CA ALA A 214 1.51 2.77 8.80
C ALA A 214 1.17 3.57 7.51
N VAL A 215 0.59 2.92 6.48
CA VAL A 215 0.22 3.58 5.23
C VAL A 215 -1.28 3.31 4.91
N VAL A 216 -1.90 2.35 5.64
CA VAL A 216 -3.31 1.93 5.54
C VAL A 216 -4.25 3.15 5.57
N ALA A 217 -4.10 4.03 6.58
CA ALA A 217 -4.92 5.23 6.77
C ALA A 217 -4.80 6.19 5.59
N ALA A 218 -3.56 6.47 5.13
CA ALA A 218 -3.30 7.32 3.96
C ALA A 218 -4.05 6.75 2.74
N ILE A 219 -4.03 5.42 2.53
CA ILE A 219 -4.76 4.80 1.41
C ILE A 219 -6.30 4.95 1.69
N LEU A 220 -6.73 4.84 2.96
CA LEU A 220 -8.13 5.02 3.29
C LEU A 220 -8.53 6.49 3.16
N THR A 221 -7.59 7.41 2.95
CA THR A 221 -7.92 8.84 2.81
C THR A 221 -7.67 9.37 1.38
N SER A 222 -6.66 8.83 0.70
CA SER A 222 -6.26 9.35 -0.60
C SER A 222 -6.49 8.38 -1.73
N GLY A 223 -6.49 7.09 -1.41
CA GLY A 223 -6.57 6.01 -2.38
C GLY A 223 -5.17 5.55 -2.74
N LEU A 224 -5.03 4.76 -3.79
CA LEU A 224 -3.72 4.28 -4.22
C LEU A 224 -3.13 5.18 -5.30
N ARG A 225 -1.91 5.68 -5.01
CA ARG A 225 -1.22 6.70 -5.78
C ARG A 225 0.07 6.27 -6.51
N ILE A 226 0.48 7.13 -7.46
CA ILE A 226 1.70 7.11 -8.25
C ILE A 226 2.48 8.31 -7.73
N MET A 227 3.28 8.08 -6.69
CA MET A 227 4.04 9.11 -6.00
C MET A 227 5.27 9.54 -6.73
N PRO A 228 5.64 10.85 -6.70
CA PRO A 228 6.96 11.23 -7.22
C PRO A 228 8.03 10.53 -6.38
N HIS A 229 9.03 9.92 -7.05
CA HIS A 229 10.16 9.13 -6.51
C HIS A 229 9.76 7.64 -6.28
N SER A 230 8.55 7.23 -6.73
CA SER A 230 8.08 5.84 -6.63
C SER A 230 8.58 5.03 -7.82
N GLY A 231 8.69 3.71 -7.64
CA GLY A 231 9.15 2.78 -8.65
C GLY A 231 9.36 1.36 -8.18
N GLY A 232 10.11 0.60 -8.98
CA GLY A 232 10.43 -0.79 -8.74
C GLY A 232 10.78 -1.54 -10.01
N ARG A 233 10.66 -2.88 -9.95
CA ARG A 233 10.97 -3.85 -11.00
C ARG A 233 10.34 -3.54 -12.36
N VAL A 234 9.17 -2.84 -12.37
CA VAL A 234 8.44 -2.59 -13.63
C VAL A 234 7.89 -1.10 -13.73
N GLY A 235 8.51 -0.19 -12.98
CA GLY A 235 8.25 1.23 -13.09
C GLY A 235 7.34 1.94 -12.11
N LYS A 236 6.98 3.20 -12.50
CA LYS A 236 6.14 4.16 -11.78
C LYS A 236 4.62 3.93 -12.03
N GLY A 237 4.13 2.84 -11.44
CA GLY A 237 2.73 2.42 -11.48
C GLY A 237 2.34 1.79 -10.16
N ILE A 238 1.05 1.41 -10.02
CA ILE A 238 0.55 0.79 -8.78
C ILE A 238 0.64 -0.72 -8.94
N TYR A 239 1.28 -1.37 -7.98
CA TYR A 239 1.59 -2.80 -7.98
C TYR A 239 0.49 -3.69 -7.37
N PHE A 240 -0.02 -4.66 -8.18
CA PHE A 240 -1.02 -5.68 -7.79
C PHE A 240 -0.56 -7.11 -8.15
N ALA A 241 -0.86 -8.06 -7.23
CA ALA A 241 -0.59 -9.48 -7.41
C ALA A 241 -1.86 -10.26 -7.44
N SER A 242 -1.96 -11.29 -8.32
CA SER A 242 -3.14 -12.16 -8.37
C SER A 242 -3.05 -13.26 -7.29
N GLU A 243 -1.82 -13.53 -6.82
CA GLU A 243 -1.50 -14.48 -5.75
C GLU A 243 -1.32 -13.72 -4.46
N ASN A 244 -1.96 -14.20 -3.38
CA ASN A 244 -1.94 -13.56 -2.07
C ASN A 244 -0.54 -13.59 -1.43
N SER A 245 0.24 -14.67 -1.65
CA SER A 245 1.58 -14.82 -1.08
C SER A 245 2.48 -13.62 -1.42
N LYS A 246 2.54 -13.21 -2.74
CA LYS A 246 3.32 -12.05 -3.26
C LYS A 246 2.99 -10.73 -2.54
N SER A 247 1.71 -10.40 -2.38
CA SER A 247 1.30 -9.17 -1.69
C SER A 247 1.64 -9.18 -0.17
N ALA A 248 1.37 -10.33 0.54
CA ALA A 248 1.56 -10.55 1.98
C ALA A 248 3.03 -10.43 2.45
N GLY A 249 3.98 -10.43 1.51
CA GLY A 249 5.39 -10.26 1.81
C GLY A 249 5.70 -8.88 2.35
N TYR A 250 4.97 -7.86 1.85
CA TYR A 250 5.07 -6.43 2.15
C TYR A 250 4.32 -6.02 3.45
N VAL A 251 3.49 -6.95 3.95
CA VAL A 251 2.69 -6.76 5.13
C VAL A 251 3.51 -7.26 6.31
N ILE A 252 4.15 -6.30 7.01
CA ILE A 252 4.92 -6.55 8.22
C ILE A 252 3.91 -6.82 9.31
N GLY A 253 3.98 -8.01 9.88
CA GLY A 253 3.08 -8.43 10.95
C GLY A 253 3.53 -7.80 12.25
N MET A 254 2.61 -7.10 12.93
CA MET A 254 2.84 -6.42 14.22
C MET A 254 2.34 -7.32 15.37
N LYS A 255 3.17 -7.52 16.40
CA LYS A 255 2.86 -8.41 17.52
C LYS A 255 1.79 -7.83 18.46
N CYS A 256 0.84 -8.69 18.89
CA CYS A 256 -0.29 -8.32 19.76
C CYS A 256 -0.67 -9.52 20.64
N GLY A 257 0.15 -9.81 21.64
CA GLY A 257 -0.04 -10.95 22.52
C GLY A 257 0.58 -12.17 21.88
N ALA A 258 -0.23 -13.22 21.64
CA ALA A 258 0.23 -14.44 20.97
C ALA A 258 -0.02 -14.38 19.45
N HIS A 259 -0.88 -13.42 19.01
CA HIS A 259 -1.25 -13.20 17.62
C HIS A 259 -0.43 -12.08 16.96
N HIS A 260 -0.55 -11.98 15.61
CA HIS A 260 0.12 -11.03 14.72
C HIS A 260 -0.93 -10.24 13.94
N VAL A 261 -0.84 -8.90 13.90
CA VAL A 261 -1.83 -8.15 13.13
C VAL A 261 -1.29 -7.68 11.78
N GLY A 262 -2.13 -7.86 10.77
CA GLY A 262 -1.89 -7.47 9.39
C GLY A 262 -3.15 -7.10 8.63
N TYR A 263 -3.09 -5.95 7.92
CA TYR A 263 -4.18 -5.44 7.10
C TYR A 263 -3.78 -5.44 5.62
N MET A 264 -4.65 -6.03 4.79
CA MET A 264 -4.46 -6.20 3.34
C MET A 264 -5.58 -5.56 2.51
N PHE A 265 -5.22 -4.95 1.37
CA PHE A 265 -6.18 -4.30 0.47
C PHE A 265 -6.56 -5.21 -0.71
N LEU A 266 -7.74 -4.94 -1.30
CA LEU A 266 -8.32 -5.59 -2.49
C LEU A 266 -8.86 -4.51 -3.40
N GLY A 267 -8.08 -4.14 -4.41
CA GLY A 267 -8.44 -3.10 -5.36
C GLY A 267 -9.11 -3.66 -6.59
N GLU A 268 -9.87 -2.80 -7.26
CA GLU A 268 -10.55 -3.13 -8.51
C GLU A 268 -9.70 -2.51 -9.60
N VAL A 269 -9.01 -3.38 -10.37
CA VAL A 269 -8.09 -2.99 -11.42
C VAL A 269 -8.72 -3.18 -12.82
N ALA A 270 -8.90 -2.04 -13.53
CA ALA A 270 -9.42 -1.93 -14.89
C ALA A 270 -8.24 -1.84 -15.82
N LEU A 271 -7.81 -3.00 -16.35
CA LEU A 271 -6.64 -3.28 -17.18
C LEU A 271 -6.76 -2.93 -18.67
N GLY A 272 -7.93 -3.22 -19.25
CA GLY A 272 -8.18 -3.03 -20.69
C GLY A 272 -7.31 -3.94 -21.52
N ARG A 273 -6.63 -3.38 -22.55
CA ARG A 273 -5.70 -4.07 -23.45
C ARG A 273 -4.36 -4.20 -22.72
N GLU A 274 -4.10 -5.37 -22.15
CA GLU A 274 -2.89 -5.57 -21.37
C GLU A 274 -1.68 -6.04 -22.20
N HIS A 275 -0.51 -5.45 -21.90
CA HIS A 275 0.78 -5.74 -22.52
C HIS A 275 1.60 -6.59 -21.56
N HIS A 276 1.85 -7.85 -21.92
CA HIS A 276 2.61 -8.78 -21.08
C HIS A 276 4.12 -8.61 -21.25
N ILE A 277 4.89 -9.10 -20.25
CA ILE A 277 6.36 -9.06 -20.23
C ILE A 277 6.92 -10.18 -19.35
N ASN A 278 8.20 -10.54 -19.59
CA ASN A 278 8.94 -11.56 -18.86
C ASN A 278 10.32 -11.04 -18.38
N THR A 279 10.58 -9.72 -18.50
CA THR A 279 11.85 -9.13 -18.06
C THR A 279 11.58 -7.83 -17.28
N ASP A 280 12.48 -7.51 -16.33
CA ASP A 280 12.37 -6.31 -15.49
C ASP A 280 12.67 -5.05 -16.31
N ASN A 281 11.83 -4.02 -16.15
CA ASN A 281 12.01 -2.74 -16.81
C ASN A 281 11.68 -1.59 -15.83
N PRO A 282 12.66 -1.23 -14.96
CA PRO A 282 12.41 -0.16 -13.98
C PRO A 282 12.09 1.19 -14.61
N SER A 283 12.58 1.43 -15.86
CA SER A 283 12.45 2.68 -16.62
C SER A 283 11.01 3.02 -17.07
N LEU A 284 10.00 2.16 -16.78
CA LEU A 284 8.61 2.39 -17.21
C LEU A 284 7.90 3.50 -16.42
N LYS A 285 7.09 4.27 -17.16
CA LYS A 285 6.33 5.41 -16.65
C LYS A 285 4.87 5.32 -17.09
N SER A 286 4.59 4.46 -18.09
CA SER A 286 3.26 4.23 -18.67
C SER A 286 3.33 2.96 -19.52
N PRO A 287 2.22 2.37 -20.06
CA PRO A 287 2.39 1.19 -20.94
C PRO A 287 2.65 1.61 -22.40
N PRO A 288 3.00 0.69 -23.36
CA PRO A 288 3.16 1.11 -24.77
C PRO A 288 1.85 1.67 -25.35
N PRO A 289 1.84 2.50 -26.43
CA PRO A 289 0.55 3.09 -26.90
C PRO A 289 -0.45 2.05 -27.41
N GLY A 290 -1.73 2.28 -27.07
CA GLY A 290 -2.84 1.39 -27.38
C GLY A 290 -3.14 0.45 -26.22
N PHE A 291 -2.20 0.33 -25.26
CA PHE A 291 -2.31 -0.48 -24.06
C PHE A 291 -2.61 0.43 -22.85
N ASP A 292 -3.25 -0.13 -21.81
CA ASP A 292 -3.66 0.60 -20.62
C ASP A 292 -3.07 -0.01 -19.33
N SER A 293 -2.37 -1.15 -19.46
CA SER A 293 -1.75 -1.87 -18.34
C SER A 293 -0.60 -2.78 -18.81
N VAL A 294 0.47 -2.87 -18.01
CA VAL A 294 1.61 -3.75 -18.25
C VAL A 294 1.60 -4.85 -17.19
N ILE A 295 1.60 -6.11 -17.61
CA ILE A 295 1.59 -7.20 -16.63
C ILE A 295 2.85 -8.06 -16.79
N ALA A 296 3.66 -8.13 -15.71
CA ALA A 296 4.87 -8.95 -15.64
C ALA A 296 4.44 -10.38 -15.33
N ARG A 297 4.40 -11.22 -16.38
CA ARG A 297 3.88 -12.58 -16.27
C ARG A 297 4.83 -13.49 -15.51
N GLY A 298 4.26 -14.24 -14.56
CA GLY A 298 5.00 -15.13 -13.69
C GLY A 298 5.02 -16.59 -14.10
N HIS A 299 5.88 -17.38 -13.40
CA HIS A 299 6.03 -18.83 -13.59
C HIS A 299 4.75 -19.57 -13.17
N THR A 300 4.07 -19.09 -12.12
CA THR A 300 2.81 -19.66 -11.66
C THR A 300 1.70 -18.62 -11.80
N GLU A 301 0.43 -19.07 -11.81
CA GLU A 301 -0.75 -18.22 -11.91
C GLU A 301 -2.00 -19.01 -11.48
N PRO A 302 -2.94 -18.42 -10.73
CA PRO A 302 -4.18 -19.14 -10.39
C PRO A 302 -4.93 -19.53 -11.68
N ASP A 303 -5.06 -20.85 -12.02
CA ASP A 303 -5.67 -21.34 -13.28
C ASP A 303 -6.95 -20.58 -13.63
N PRO A 304 -6.93 -19.77 -14.73
CA PRO A 304 -8.09 -18.91 -15.05
C PRO A 304 -9.41 -19.65 -15.36
N THR A 305 -9.42 -20.99 -15.16
CA THR A 305 -10.58 -21.86 -15.35
C THR A 305 -11.38 -22.00 -14.04
N GLN A 306 -10.76 -21.72 -12.89
CA GLN A 306 -11.43 -21.80 -11.58
C GLN A 306 -11.98 -20.42 -11.16
N ASP A 307 -11.81 -19.40 -12.04
CA ASP A 307 -12.23 -18.00 -11.90
C ASP A 307 -13.72 -17.84 -11.62
N THR A 308 -14.08 -16.77 -10.86
CA THR A 308 -15.47 -16.37 -10.58
C THR A 308 -15.58 -14.86 -10.94
N GLU A 309 -16.80 -14.31 -10.87
CA GLU A 309 -17.02 -12.90 -11.18
C GLU A 309 -17.87 -12.22 -10.10
N LEU A 310 -17.96 -10.89 -10.17
CA LEU A 310 -18.73 -10.07 -9.24
C LEU A 310 -19.35 -8.88 -9.98
N GLU A 311 -20.50 -8.39 -9.49
CA GLU A 311 -21.14 -7.23 -10.09
C GLU A 311 -20.99 -6.05 -9.13
N LEU A 312 -19.84 -5.36 -9.25
CA LEU A 312 -19.53 -4.18 -8.46
C LEU A 312 -19.89 -2.95 -9.30
N ASP A 313 -20.99 -2.24 -8.90
CA ASP A 313 -21.54 -1.03 -9.53
C ASP A 313 -21.83 -1.27 -11.03
N GLY A 314 -22.61 -2.32 -11.31
CA GLY A 314 -23.05 -2.73 -12.64
C GLY A 314 -21.99 -3.17 -13.63
N GLN A 315 -20.78 -3.52 -13.12
CA GLN A 315 -19.63 -3.95 -13.94
C GLN A 315 -19.13 -5.33 -13.49
N GLN A 316 -18.64 -6.13 -14.44
CA GLN A 316 -18.16 -7.48 -14.17
C GLN A 316 -16.68 -7.47 -13.88
N VAL A 317 -16.33 -7.89 -12.65
CA VAL A 317 -14.98 -7.94 -12.13
C VAL A 317 -14.55 -9.40 -11.99
N VAL A 318 -13.49 -9.81 -12.69
CA VAL A 318 -12.99 -11.18 -12.63
C VAL A 318 -12.29 -11.38 -11.28
N VAL A 319 -12.63 -12.48 -10.59
CA VAL A 319 -12.10 -12.84 -9.27
C VAL A 319 -11.42 -14.22 -9.35
N PRO A 320 -10.07 -14.29 -9.32
CA PRO A 320 -9.39 -15.60 -9.38
C PRO A 320 -9.58 -16.42 -8.10
N GLN A 321 -10.17 -17.62 -8.21
CA GLN A 321 -10.47 -18.47 -7.06
C GLN A 321 -9.55 -19.68 -6.91
N GLY A 322 -8.90 -20.08 -8.00
CA GLY A 322 -8.04 -21.26 -8.06
C GLY A 322 -6.63 -21.13 -7.55
N GLN A 323 -6.00 -22.29 -7.28
CA GLN A 323 -4.63 -22.42 -6.81
C GLN A 323 -3.65 -22.05 -7.93
N PRO A 324 -2.41 -21.59 -7.63
CA PRO A 324 -1.46 -21.31 -8.71
C PRO A 324 -1.13 -22.56 -9.52
N VAL A 325 -0.88 -22.39 -10.83
CA VAL A 325 -0.53 -23.48 -11.74
C VAL A 325 0.67 -23.06 -12.62
N PRO A 326 1.58 -23.97 -13.03
CA PRO A 326 2.70 -23.55 -13.89
C PRO A 326 2.26 -22.89 -15.18
N CYS A 327 3.04 -21.93 -15.69
CA CYS A 327 2.74 -21.25 -16.95
C CYS A 327 3.89 -21.47 -17.93
N PRO A 328 3.72 -22.43 -18.89
CA PRO A 328 4.82 -22.74 -19.83
C PRO A 328 5.10 -21.64 -20.84
N GLU A 329 4.15 -20.73 -21.11
CA GLU A 329 4.37 -19.60 -22.04
C GLU A 329 5.37 -18.63 -21.40
N PHE A 330 5.39 -18.61 -20.06
CA PHE A 330 6.27 -17.74 -19.27
C PHE A 330 7.17 -18.57 -18.32
N SER A 331 7.49 -19.83 -18.70
CA SER A 331 8.34 -20.77 -17.95
C SER A 331 9.75 -20.23 -17.67
N SER A 332 10.21 -19.25 -18.49
CA SER A 332 11.54 -18.63 -18.42
C SER A 332 11.48 -17.14 -18.01
N SER A 333 10.34 -16.68 -17.46
CA SER A 333 10.14 -15.29 -17.04
C SER A 333 11.01 -14.96 -15.84
N THR A 334 11.47 -13.70 -15.74
CA THR A 334 12.32 -13.23 -14.64
C THR A 334 11.51 -12.97 -13.35
N PHE A 335 10.17 -13.18 -13.40
CA PHE A 335 9.25 -13.00 -12.28
C PHE A 335 8.62 -14.34 -11.94
N SER A 336 8.80 -14.85 -10.70
CA SER A 336 8.24 -16.15 -10.27
C SER A 336 6.73 -16.08 -10.17
N GLN A 337 6.18 -14.92 -9.74
CA GLN A 337 4.73 -14.68 -9.62
C GLN A 337 4.35 -13.43 -10.42
N SER A 338 3.09 -13.36 -10.90
CA SER A 338 2.63 -12.22 -11.69
C SER A 338 2.54 -10.92 -10.86
N GLU A 339 2.83 -9.80 -11.54
CA GLU A 339 2.80 -8.42 -11.06
C GLU A 339 2.01 -7.59 -12.08
N TYR A 340 0.92 -6.94 -11.63
CA TYR A 340 -0.01 -6.16 -12.47
C TYR A 340 0.21 -4.68 -12.22
N LEU A 341 0.58 -3.93 -13.30
CA LEU A 341 0.91 -2.50 -13.24
C LEU A 341 -0.03 -1.63 -13.99
N ILE A 342 -0.61 -0.62 -13.31
CA ILE A 342 -1.47 0.42 -13.93
C ILE A 342 -0.78 1.74 -13.72
N TYR A 343 -0.80 2.60 -14.74
CA TYR A 343 -0.03 3.83 -14.77
C TYR A 343 -0.85 5.11 -14.69
N GLN A 344 -2.09 4.99 -14.19
CA GLN A 344 -2.97 6.12 -13.87
C GLN A 344 -3.86 5.68 -12.70
N GLU A 345 -3.82 6.45 -11.60
CA GLU A 345 -4.55 6.19 -10.35
C GLU A 345 -6.05 5.92 -10.60
N SER A 346 -6.66 6.70 -11.52
CA SER A 346 -8.07 6.66 -11.90
C SER A 346 -8.54 5.23 -12.28
N GLN A 347 -7.64 4.32 -12.70
CA GLN A 347 -7.96 2.94 -13.09
C GLN A 347 -8.09 1.99 -11.88
N CYS A 348 -7.96 2.53 -10.64
CA CYS A 348 -8.15 1.77 -9.42
C CYS A 348 -9.18 2.43 -8.55
N ARG A 349 -9.82 1.60 -7.76
CA ARG A 349 -10.87 1.87 -6.79
C ARG A 349 -10.77 0.73 -5.80
N LEU A 350 -10.61 1.05 -4.52
CA LEU A 350 -10.49 -0.02 -3.52
C LEU A 350 -11.81 -0.68 -3.34
N ARG A 351 -11.79 -1.96 -3.03
CA ARG A 351 -13.06 -2.63 -2.82
C ARG A 351 -13.10 -3.25 -1.44
N TYR A 352 -11.99 -3.88 -0.95
CA TYR A 352 -12.06 -4.48 0.37
C TYR A 352 -10.80 -4.31 1.24
N LEU A 353 -11.03 -4.19 2.57
CA LEU A 353 -9.99 -4.19 3.57
C LEU A 353 -10.16 -5.46 4.42
N LEU A 354 -9.07 -6.23 4.53
CA LEU A 354 -9.01 -7.52 5.21
C LEU A 354 -8.16 -7.47 6.46
N GLU A 355 -8.59 -8.22 7.49
CA GLU A 355 -7.84 -8.37 8.73
C GLU A 355 -7.33 -9.79 8.73
N VAL A 356 -5.99 -9.93 8.75
CA VAL A 356 -5.34 -11.23 8.73
C VAL A 356 -4.42 -11.37 9.95
N HIS A 357 -4.35 -12.60 10.48
CA HIS A 357 -3.55 -12.98 11.64
C HIS A 357 -2.47 -13.99 11.25
#